data_2ZFN
#
_entry.id   2ZFN
#
_cell.length_a   146.589
_cell.length_b   68.612
_cell.length_c   55.472
_cell.angle_alpha   90.00
_cell.angle_beta   95.02
_cell.angle_gamma   90.00
#
_symmetry.space_group_name_H-M   'C 1 2 1'
#
loop_
_entity.id
_entity.type
_entity.pdbx_description
1 polymer 'Regulator of Ty1 transposition protein 109'
2 non-polymer 'ACETYL COENZYME *A'
3 non-polymer GLYCEROL
4 water water
#
_entity_poly.entity_id   1
_entity_poly.type   'polypeptide(L)'
_entity_poly.pdbx_seq_one_letter_code
;MGSSHHHHHHSSGLVPRGSHMAA(MSE)(MSE)SLNDFLSSVLPVSEQFEYLSLQSIPLETHAVVTPNKDDKRVPKSTIK
TQHFFSLFHQGKVFFSLEVYVYVTLWDEADAERLIFVSKADTNGYCNTRVSVRDITKIILEFILSIDPNYYLQKVKPAIR
SYKKISPELISAASTPARTLRILARRLKQSGSTVLKEIESPRFQQDLYLSFTCPREILTKICLFTRPASQYLFPDSSKNS
KKHILNGEEL(MSE)KWWGFILDRLLIECFQNDTQAKLRIPGEDPARVRSYLRG(MSE)KYPLWQVGDIFTSKENSLAVY
NIPLFPDDP(ALY)ARFIHQLAEEDRLLKVSLSSFWIELQERQEFKLSVTSSV(MSE)GISGYSLATPSLFPSSADVIVP
KSRKQFRAIKKYITGEEYDTEEGAIEAFTNIRDFLLLR(MSE)ATNLQSLTGKREHRERNQPVPASNINTLAITMLKPRK
KAKALPKT
;
_entity_poly.pdbx_strand_id   A
#
# COMPACT_ATOMS: atom_id res chain seq x y z
N MET A 21 12.43 -8.75 -15.14
CA MET A 21 11.18 -9.39 -15.64
C MET A 21 11.50 -10.53 -16.62
N ALA A 22 12.15 -11.60 -16.13
CA ALA A 22 12.68 -12.66 -17.00
C ALA A 22 11.91 -13.98 -16.95
N ALA A 23 11.71 -14.52 -15.75
CA ALA A 23 10.88 -15.70 -15.57
C ALA A 23 9.45 -15.20 -15.36
N SER A 26 4.03 -11.32 -15.48
CA SER A 26 2.69 -10.88 -15.16
C SER A 26 2.37 -11.06 -13.67
N LEU A 27 1.43 -10.25 -13.18
CA LEU A 27 0.77 -10.56 -11.92
C LEU A 27 0.24 -11.97 -11.87
N ASN A 28 -0.30 -12.49 -12.98
CA ASN A 28 -0.59 -13.93 -13.07
C ASN A 28 0.62 -14.85 -12.76
N ASP A 29 1.75 -14.61 -13.44
CA ASP A 29 2.99 -15.32 -13.16
C ASP A 29 3.36 -15.29 -11.66
N PHE A 30 3.38 -14.10 -11.08
CA PHE A 30 3.73 -13.92 -9.66
C PHE A 30 2.78 -14.69 -8.72
N LEU A 31 1.46 -14.39 -8.74
CA LEU A 31 0.48 -15.14 -7.90
C LEU A 31 0.62 -16.65 -8.12
N SER A 32 0.61 -17.06 -9.35
CA SER A 32 0.64 -18.54 -9.62
C SER A 32 1.79 -19.24 -8.94
N SER A 33 2.90 -18.51 -8.76
CA SER A 33 4.16 -19.22 -8.33
C SER A 33 4.09 -19.57 -6.85
N VAL A 34 3.19 -18.94 -6.13
CA VAL A 34 3.09 -19.18 -4.70
C VAL A 34 1.77 -19.86 -4.32
N LEU A 35 0.88 -20.10 -5.30
CA LEU A 35 -0.46 -20.62 -5.00
C LEU A 35 -0.34 -22.12 -5.21
N PRO A 36 -1.10 -22.94 -4.43
CA PRO A 36 -0.88 -24.38 -4.42
C PRO A 36 -1.08 -25.03 -5.80
N VAL A 37 -0.26 -26.03 -6.12
CA VAL A 37 -0.26 -26.77 -7.42
C VAL A 37 -1.67 -27.22 -7.86
N SER A 38 -1.98 -26.99 -9.15
CA SER A 38 -3.26 -27.38 -9.75
C SER A 38 -4.55 -26.80 -9.14
N GLU A 39 -4.45 -25.88 -8.20
CA GLU A 39 -5.66 -25.30 -7.62
C GLU A 39 -5.97 -24.01 -8.34
N GLN A 40 -7.26 -23.71 -8.49
CA GLN A 40 -7.72 -22.61 -9.29
C GLN A 40 -8.13 -21.43 -8.39
N PHE A 41 -7.73 -20.23 -8.80
CA PHE A 41 -8.06 -18.99 -8.08
C PHE A 41 -8.42 -17.92 -9.07
N GLU A 42 -9.05 -16.86 -8.59
CA GLU A 42 -9.24 -15.70 -9.44
C GLU A 42 -8.74 -14.48 -8.67
N TYR A 43 -8.41 -13.40 -9.38
CA TYR A 43 -8.03 -12.15 -8.70
C TYR A 43 -8.62 -10.89 -9.27
N LEU A 44 -8.83 -9.91 -8.40
CA LEU A 44 -9.09 -8.56 -8.80
C LEU A 44 -7.81 -7.74 -8.53
N SER A 45 -7.33 -7.03 -9.56
CA SER A 45 -6.25 -6.06 -9.41
C SER A 45 -6.79 -4.76 -9.92
N LEU A 46 -7.05 -3.86 -8.99
CA LEU A 46 -7.73 -2.63 -9.29
C LEU A 46 -6.80 -1.43 -9.01
N GLN A 47 -6.90 -0.38 -9.82
CA GLN A 47 -5.94 0.72 -9.71
C GLN A 47 -6.62 2.06 -9.97
N SER A 48 -6.31 3.03 -9.14
CA SER A 48 -6.79 4.37 -9.40
C SER A 48 -5.98 5.03 -10.52
N ILE A 49 -6.51 6.14 -11.01
CA ILE A 49 -5.80 6.95 -11.99
C ILE A 49 -4.83 7.78 -11.17
N PRO A 50 -3.53 7.73 -11.49
CA PRO A 50 -2.50 8.49 -10.76
C PRO A 50 -2.88 9.98 -10.63
N LEU A 51 -2.65 10.57 -9.47
CA LEU A 51 -2.97 11.99 -9.34
C LEU A 51 -1.91 12.69 -8.56
N GLU A 52 -1.84 13.99 -8.77
CA GLU A 52 -0.92 14.84 -8.03
C GLU A 52 -1.49 15.05 -6.64
N THR A 53 -0.58 15.04 -5.65
CA THR A 53 -0.94 15.02 -4.24
C THR A 53 0.05 15.89 -3.46
N HIS A 54 -0.21 16.09 -2.17
CA HIS A 54 0.68 16.91 -1.32
C HIS A 54 1.97 16.10 -1.18
N ALA A 55 3.09 16.75 -0.87
CA ALA A 55 4.31 15.99 -0.66
C ALA A 55 4.10 14.91 0.47
N VAL A 56 4.72 13.71 0.34
CA VAL A 56 4.65 12.70 1.40
C VAL A 56 5.07 13.23 2.78
N VAL A 57 6.19 13.96 2.82
CA VAL A 57 6.68 14.56 4.05
C VAL A 57 6.46 16.06 3.91
N THR A 58 5.91 16.68 4.92
CA THR A 58 5.79 18.14 4.91
C THR A 58 7.11 18.85 4.56
N PRO A 59 7.12 19.70 3.52
CA PRO A 59 8.31 20.52 3.27
C PRO A 59 8.58 21.61 4.31
N ASN A 60 9.85 21.81 4.62
CA ASN A 60 10.31 22.96 5.41
C ASN A 60 10.65 24.11 4.47
N LYS A 61 10.31 25.32 4.91
CA LYS A 61 10.64 26.56 4.20
C LYS A 61 12.15 26.70 3.97
N ASP A 62 12.94 26.36 4.99
CA ASP A 62 14.40 26.51 4.96
C ASP A 62 15.12 25.29 4.33
N ASP A 63 14.54 24.78 3.25
CA ASP A 63 15.11 23.64 2.54
C ASP A 63 15.35 24.02 1.09
N LYS A 64 16.42 23.46 0.51
CA LYS A 64 16.88 23.90 -0.81
C LYS A 64 16.20 23.15 -1.97
N ARG A 65 15.60 22.00 -1.66
CA ARG A 65 14.81 21.28 -2.67
C ARG A 65 13.47 20.77 -2.12
N VAL A 66 12.39 21.30 -2.70
CA VAL A 66 11.02 20.87 -2.48
C VAL A 66 10.61 20.09 -3.76
N PRO A 67 9.74 19.03 -3.61
CA PRO A 67 9.36 18.24 -4.78
C PRO A 67 8.70 19.07 -5.86
N LYS A 68 9.03 18.75 -7.10
CA LYS A 68 8.35 19.33 -8.24
C LYS A 68 6.91 18.85 -8.23
N SER A 69 6.74 17.57 -7.96
CA SER A 69 5.43 16.93 -7.97
C SER A 69 5.50 15.61 -7.23
N THR A 70 4.35 15.26 -6.63
CA THR A 70 4.19 13.95 -6.02
C THR A 70 2.97 13.29 -6.64
N ILE A 71 3.14 12.06 -7.13
CA ILE A 71 2.11 11.36 -7.85
C ILE A 71 1.70 10.15 -7.01
N LYS A 72 0.41 10.01 -6.71
CA LYS A 72 -0.07 8.93 -5.81
C LYS A 72 -1.05 8.07 -6.56
N THR A 73 -0.87 6.75 -6.45
CA THR A 73 -1.68 5.73 -7.11
C THR A 73 -2.05 4.65 -6.08
N GLN A 74 -3.33 4.28 -6.06
CA GLN A 74 -3.75 3.15 -5.20
C GLN A 74 -3.87 1.85 -6.01
N HIS A 75 -3.23 0.77 -5.57
CA HIS A 75 -3.47 -0.57 -6.05
C HIS A 75 -4.31 -1.30 -4.99
N PHE A 76 -5.45 -1.85 -5.37
CA PHE A 76 -6.28 -2.62 -4.46
C PHE A 76 -6.43 -4.00 -5.07
N PHE A 77 -6.08 -5.03 -4.30
CA PHE A 77 -6.11 -6.42 -4.77
C PHE A 77 -7.07 -7.24 -3.96
N SER A 78 -7.74 -8.23 -4.62
CA SER A 78 -8.64 -9.15 -3.88
C SER A 78 -8.40 -10.53 -4.47
N LEU A 79 -8.25 -11.56 -3.66
CA LEU A 79 -8.10 -12.93 -4.20
C LEU A 79 -9.37 -13.73 -3.90
N PHE A 80 -9.75 -14.62 -4.82
CA PHE A 80 -10.98 -15.39 -4.74
C PHE A 80 -10.64 -16.87 -4.92
N HIS A 81 -11.42 -17.76 -4.30
CA HIS A 81 -11.30 -19.20 -4.52
C HIS A 81 -12.73 -19.74 -4.40
N GLN A 82 -13.14 -20.54 -5.37
CA GLN A 82 -14.45 -21.19 -5.37
C GLN A 82 -15.58 -20.15 -5.21
N GLY A 83 -15.47 -19.05 -5.92
CA GLY A 83 -16.59 -18.10 -5.97
C GLY A 83 -16.78 -17.28 -4.72
N LYS A 84 -15.70 -17.09 -3.95
CA LYS A 84 -15.69 -16.36 -2.69
C LYS A 84 -14.41 -15.56 -2.55
N VAL A 85 -14.56 -14.27 -2.23
CA VAL A 85 -13.37 -13.53 -1.86
C VAL A 85 -12.86 -14.00 -0.51
N PHE A 86 -11.52 -13.97 -0.30
CA PHE A 86 -10.97 -14.40 0.98
C PHE A 86 -9.78 -13.57 1.47
N PHE A 87 -9.26 -12.69 0.61
CA PHE A 87 -8.06 -11.92 0.91
C PHE A 87 -8.14 -10.63 0.12
N SER A 88 -7.74 -9.53 0.75
CA SER A 88 -7.56 -8.27 0.06
C SER A 88 -6.36 -7.49 0.60
N LEU A 89 -5.78 -6.62 -0.23
CA LEU A 89 -4.52 -5.90 0.08
C LEU A 89 -4.60 -4.54 -0.59
N GLU A 90 -4.35 -3.50 0.22
CA GLU A 90 -4.43 -2.14 -0.25
C GLU A 90 -3.06 -1.48 -0.14
N VAL A 91 -2.54 -1.04 -1.28
CA VAL A 91 -1.20 -0.45 -1.37
C VAL A 91 -1.25 0.89 -2.12
N TYR A 92 -0.39 1.85 -1.72
CA TYR A 92 -0.29 3.13 -2.38
C TYR A 92 1.16 3.29 -2.83
N VAL A 93 1.34 3.70 -4.10
CA VAL A 93 2.67 3.97 -4.69
C VAL A 93 2.76 5.47 -4.90
N TYR A 94 3.81 6.08 -4.36
CA TYR A 94 4.05 7.51 -4.54
C TYR A 94 5.32 7.63 -5.35
N VAL A 95 5.28 8.36 -6.45
CA VAL A 95 6.50 8.75 -7.16
C VAL A 95 6.74 10.21 -6.88
N THR A 96 7.87 10.51 -6.22
CA THR A 96 8.20 11.92 -5.91
C THR A 96 9.24 12.43 -6.91
N LEU A 97 8.94 13.55 -7.53
CA LEU A 97 9.81 14.13 -8.54
C LEU A 97 10.48 15.39 -8.01
N TRP A 98 11.80 15.45 -8.15
CA TRP A 98 12.52 16.67 -7.78
C TRP A 98 12.97 17.40 -9.06
N ASP A 99 13.34 16.62 -10.09
CA ASP A 99 13.63 17.08 -11.45
C ASP A 99 13.49 15.90 -12.45
N GLU A 100 14.03 16.09 -13.66
CA GLU A 100 13.97 15.09 -14.73
C GLU A 100 14.85 13.86 -14.44
N ALA A 101 15.94 14.07 -13.69
CA ALA A 101 16.90 13.01 -13.37
C ALA A 101 16.85 12.57 -11.89
N ASP A 102 15.94 13.19 -11.13
CA ASP A 102 15.92 13.12 -9.66
C ASP A 102 14.51 12.74 -9.16
N ALA A 103 14.36 11.48 -8.77
CA ALA A 103 13.06 10.92 -8.39
C ALA A 103 13.21 9.74 -7.42
N GLU A 104 12.14 9.42 -6.71
CA GLU A 104 12.08 8.36 -5.72
C GLU A 104 10.70 7.74 -5.81
N ARG A 105 10.60 6.45 -5.52
CA ARG A 105 9.28 5.83 -5.36
C ARG A 105 9.19 5.25 -3.96
N LEU A 106 7.96 5.20 -3.48
CA LEU A 106 7.68 4.64 -2.15
C LEU A 106 6.40 3.81 -2.23
N ILE A 107 6.49 2.57 -1.77
CA ILE A 107 5.37 1.65 -1.70
C ILE A 107 4.92 1.64 -0.25
N PHE A 108 3.76 2.24 0.04
CA PHE A 108 3.13 2.22 1.34
C PHE A 108 2.12 1.09 1.45
N VAL A 109 2.44 0.07 2.24
CA VAL A 109 1.53 -1.07 2.42
C VAL A 109 0.50 -0.71 3.51
N SER A 110 -0.75 -0.51 3.09
CA SER A 110 -1.71 0.15 3.96
C SER A 110 -2.54 -0.80 4.79
N LYS A 111 -3.22 -1.75 4.14
CA LYS A 111 -4.06 -2.69 4.87
C LYS A 111 -3.97 -4.05 4.18
N ALA A 112 -3.77 -5.14 4.94
CA ALA A 112 -3.91 -6.55 4.44
C ALA A 112 -4.99 -7.19 5.33
N ASP A 113 -5.83 -8.07 4.78
CA ASP A 113 -6.89 -8.67 5.58
C ASP A 113 -7.36 -9.95 4.93
N THR A 114 -8.04 -10.79 5.73
CA THR A 114 -8.59 -12.07 5.31
C THR A 114 -9.96 -12.16 5.95
N ASN A 115 -10.83 -13.03 5.45
CA ASN A 115 -12.12 -13.19 6.11
C ASN A 115 -12.37 -14.60 6.59
N GLY A 116 -11.40 -15.50 6.35
CA GLY A 116 -11.58 -16.89 6.73
C GLY A 116 -12.46 -17.78 5.85
N TYR A 117 -12.97 -17.26 4.73
CA TYR A 117 -13.86 -18.06 3.86
C TYR A 117 -13.10 -18.63 2.69
N CYS A 118 -12.07 -19.40 3.00
CA CYS A 118 -11.31 -20.12 1.98
C CYS A 118 -11.24 -21.56 2.47
N ASN A 119 -11.56 -22.51 1.61
CA ASN A 119 -11.59 -23.87 2.10
C ASN A 119 -10.31 -24.62 1.71
N THR A 120 -9.31 -23.91 1.23
CA THR A 120 -8.04 -24.54 0.91
C THR A 120 -6.89 -23.85 1.61
N ARG A 121 -5.78 -24.58 1.78
CA ARG A 121 -4.59 -24.07 2.46
C ARG A 121 -3.76 -23.22 1.48
N VAL A 122 -3.55 -21.96 1.84
CA VAL A 122 -2.68 -21.07 1.04
C VAL A 122 -1.76 -20.32 2.02
N SER A 123 -0.65 -19.77 1.53
CA SER A 123 0.19 -18.91 2.36
C SER A 123 -0.17 -17.48 2.04
N VAL A 124 -0.89 -16.83 2.94
CA VAL A 124 -1.24 -15.41 2.80
C VAL A 124 0.01 -14.53 2.86
N ARG A 125 0.94 -14.92 3.71
CA ARG A 125 2.29 -14.32 3.79
C ARG A 125 2.93 -14.25 2.39
N ASP A 126 3.03 -15.40 1.74
CA ASP A 126 3.66 -15.44 0.40
C ASP A 126 2.86 -14.76 -0.72
N ILE A 127 1.55 -14.87 -0.69
CA ILE A 127 0.70 -14.11 -1.58
C ILE A 127 0.99 -12.65 -1.44
N THR A 128 1.03 -12.18 -0.18
CA THR A 128 1.35 -10.74 0.12
C THR A 128 2.73 -10.29 -0.36
N LYS A 129 3.78 -11.07 -0.06
CA LYS A 129 5.11 -10.80 -0.53
C LYS A 129 5.07 -10.73 -2.05
N ILE A 130 4.52 -11.76 -2.72
CA ILE A 130 4.62 -11.83 -4.19
C ILE A 130 3.87 -10.66 -4.83
N ILE A 131 2.75 -10.28 -4.25
CA ILE A 131 2.10 -9.09 -4.78
C ILE A 131 3.05 -7.92 -4.73
N LEU A 132 3.80 -7.73 -3.62
CA LEU A 132 4.64 -6.50 -3.52
C LEU A 132 5.78 -6.61 -4.46
N GLU A 133 6.23 -7.83 -4.71
CA GLU A 133 7.22 -7.92 -5.71
C GLU A 133 6.74 -7.61 -7.16
N PHE A 134 5.46 -7.90 -7.46
CA PHE A 134 4.89 -7.52 -8.76
C PHE A 134 4.96 -6.01 -8.80
N ILE A 135 4.51 -5.42 -7.72
CA ILE A 135 4.50 -3.95 -7.65
C ILE A 135 5.93 -3.32 -7.81
N LEU A 136 6.93 -3.94 -7.17
CA LEU A 136 8.31 -3.47 -7.27
C LEU A 136 8.80 -3.57 -8.72
N SER A 137 8.19 -4.46 -9.52
CA SER A 137 8.62 -4.66 -10.91
C SER A 137 8.04 -3.61 -11.82
N ILE A 138 7.15 -2.75 -11.33
CA ILE A 138 6.51 -1.80 -12.23
C ILE A 138 7.46 -0.60 -12.48
N ASP A 139 7.66 -0.21 -13.74
CA ASP A 139 8.44 0.97 -14.08
C ASP A 139 7.75 2.16 -13.49
N PRO A 140 8.47 3.02 -12.71
CA PRO A 140 7.76 4.20 -12.14
C PRO A 140 7.17 5.09 -13.24
N ASN A 141 7.71 5.00 -14.46
CA ASN A 141 7.20 5.75 -15.61
C ASN A 141 5.80 5.35 -15.99
N TYR A 142 5.36 4.19 -15.50
CA TYR A 142 3.99 3.76 -15.70
C TYR A 142 2.99 4.73 -15.06
N TYR A 143 3.28 5.19 -13.85
CA TYR A 143 2.41 6.09 -13.13
C TYR A 143 2.49 7.52 -13.64
N LEU A 144 3.56 7.84 -14.38
CA LEU A 144 3.83 9.21 -14.82
C LEU A 144 3.29 9.59 -16.21
N GLN A 145 2.73 8.62 -16.94
CA GLN A 145 2.37 8.84 -18.33
C GLN A 145 1.08 9.64 -18.46
N LYS A 146 0.22 9.56 -17.44
CA LYS A 146 -1.10 10.19 -17.44
C LYS A 146 -1.45 10.45 -15.98
N VAL A 147 -1.38 11.71 -15.55
CA VAL A 147 -1.52 12.05 -14.13
C VAL A 147 -2.58 13.14 -14.00
N LYS A 148 -3.58 12.91 -13.16
CA LYS A 148 -4.59 13.95 -12.91
C LYS A 148 -3.96 15.11 -12.14
N PRO A 149 -4.08 16.34 -12.66
CA PRO A 149 -3.48 17.50 -11.98
C PRO A 149 -4.15 17.91 -10.66
N ALA A 150 -3.37 18.48 -9.74
CA ALA A 150 -3.88 18.85 -8.42
C ALA A 150 -4.77 20.08 -8.57
N ILE A 151 -4.51 20.85 -9.62
CA ILE A 151 -5.27 22.09 -9.93
C ILE A 151 -5.72 22.03 -11.39
N ARG A 152 -7.03 21.93 -11.63
CA ARG A 152 -7.58 21.87 -13.00
C ARG A 152 -8.23 23.19 -13.36
N SER A 153 -8.03 23.64 -14.60
CA SER A 153 -8.67 24.85 -15.07
C SER A 153 -10.04 24.57 -15.69
N TYR A 154 -10.98 25.45 -15.40
CA TYR A 154 -12.34 25.29 -15.84
C TYR A 154 -12.82 26.64 -16.29
N LYS A 155 -13.67 26.63 -17.31
CA LYS A 155 -14.46 27.79 -17.66
C LYS A 155 -15.91 27.35 -17.48
N LYS A 156 -16.62 28.05 -16.59
CA LYS A 156 -18.00 27.72 -16.23
C LYS A 156 -18.99 28.61 -16.97
N ILE A 157 -20.03 28.00 -17.54
CA ILE A 157 -21.04 28.70 -18.35
C ILE A 157 -22.29 29.00 -17.55
N SER A 158 -22.69 30.27 -17.55
CA SER A 158 -23.69 30.76 -16.62
C SER A 158 -25.10 30.00 -17.59
N PRO A 159 -26.09 29.04 -16.97
CA PRO A 159 -27.34 28.75 -17.73
C PRO A 159 -27.98 29.97 -18.37
N GLU A 160 -27.47 31.17 -18.08
CA GLU A 160 -28.07 32.39 -18.67
C GLU A 160 -27.89 32.53 -20.22
N LEU A 161 -26.92 31.78 -20.78
CA LEU A 161 -26.61 31.80 -22.22
C LEU A 161 -27.53 30.90 -23.07
N ILE A 162 -28.50 30.09 -22.26
CA ILE A 162 -29.41 29.20 -23.02
C ILE A 162 -30.76 29.86 -23.14
N SER A 163 -31.18 30.05 -24.42
CA SER A 163 -32.53 30.63 -24.64
C SER A 163 -33.56 29.53 -24.92
N ALA A 164 -34.82 29.95 -25.05
CA ALA A 164 -35.96 29.08 -25.35
C ALA A 164 -35.91 28.47 -26.82
N ALA A 165 -34.82 29.28 -27.60
CA ALA A 165 -34.63 28.77 -28.96
C ALA A 165 -33.59 27.61 -29.07
N SER A 166 -32.92 27.26 -27.90
CA SER A 166 -31.99 26.08 -27.87
C SER A 166 -32.56 25.01 -26.91
N LEU A 199 -7.74 16.96 -19.20
CA LEU A 199 -6.31 17.21 -19.35
C LEU A 199 -5.54 16.51 -18.26
N TYR A 200 -4.54 15.74 -18.68
CA TYR A 200 -3.65 15.00 -17.81
C TYR A 200 -2.22 15.49 -18.00
N LEU A 201 -1.46 15.53 -16.90
CA LEU A 201 -0.04 15.81 -16.95
C LEU A 201 0.73 14.54 -17.27
N SER A 202 1.94 14.70 -17.77
CA SER A 202 2.88 13.58 -17.87
C SER A 202 4.29 14.01 -17.53
N PHE A 203 5.10 13.03 -17.12
CA PHE A 203 6.45 13.26 -16.63
C PHE A 203 7.26 12.05 -17.05
N THR A 204 8.58 12.16 -16.97
CA THR A 204 9.46 11.00 -17.02
C THR A 204 10.46 11.05 -15.86
N CYS A 205 11.06 9.89 -15.58
CA CYS A 205 12.14 9.76 -14.60
C CYS A 205 12.94 8.53 -15.00
N PRO A 206 14.10 8.31 -14.36
CA PRO A 206 14.88 7.07 -14.60
C PRO A 206 14.09 5.84 -14.17
N ARG A 207 14.33 4.71 -14.82
CA ARG A 207 13.67 3.50 -14.34
C ARG A 207 14.24 3.06 -13.00
N GLU A 208 15.57 3.18 -12.85
CA GLU A 208 16.23 2.64 -11.64
C GLU A 208 16.34 3.75 -10.57
N ILE A 209 15.30 3.91 -9.76
CA ILE A 209 15.30 5.01 -8.80
C ILE A 209 15.23 4.49 -7.38
N LEU A 210 15.55 5.39 -6.45
CA LEU A 210 15.54 5.02 -5.05
C LEU A 210 14.15 4.55 -4.67
N THR A 211 14.10 3.35 -4.08
CA THR A 211 12.85 2.67 -3.72
C THR A 211 12.73 2.50 -2.20
N LYS A 212 11.60 2.95 -1.68
CA LYS A 212 11.24 2.89 -0.27
C LYS A 212 10.02 1.99 -0.09
N ILE A 213 9.97 1.20 1.02
CA ILE A 213 8.77 0.47 1.45
C ILE A 213 8.50 0.84 2.90
N CYS A 214 7.25 1.31 3.17
CA CYS A 214 6.84 1.66 4.52
C CYS A 214 5.55 0.97 4.92
N LEU A 215 5.48 0.55 6.16
CA LEU A 215 4.25 -0.09 6.69
C LEU A 215 4.24 0.10 8.24
N PHE A 216 3.02 0.15 8.80
CA PHE A 216 2.82 0.20 10.21
C PHE A 216 2.07 -1.09 10.62
N THR A 217 2.69 -1.95 11.42
CA THR A 217 1.99 -3.17 11.79
C THR A 217 1.14 -2.89 13.01
N ARG A 218 -0.15 -3.19 12.88
CA ARG A 218 -1.08 -3.12 13.97
C ARG A 218 -2.24 -4.07 13.74
N PRO A 219 -2.42 -5.08 14.64
CA PRO A 219 -3.53 -6.05 14.37
C PRO A 219 -4.90 -5.45 14.64
N ALA A 220 -5.91 -5.95 13.94
CA ALA A 220 -7.31 -5.60 14.31
C ALA A 220 -8.20 -6.75 13.92
N SER A 221 -9.45 -6.75 14.38
CA SER A 221 -10.37 -7.82 14.04
C SER A 221 -10.52 -7.86 12.51
N GLN A 222 -10.48 -6.68 11.87
CA GLN A 222 -10.59 -6.57 10.41
C GLN A 222 -10.18 -5.17 9.98
N TYR A 223 -9.81 -5.03 8.70
CA TYR A 223 -9.54 -3.73 8.03
C TYR A 223 -10.36 -3.58 6.71
N LEU A 224 -10.55 -4.68 5.99
CA LEU A 224 -11.22 -4.66 4.69
C LEU A 224 -12.49 -5.53 4.59
N PHE A 225 -12.77 -6.29 5.66
CA PHE A 225 -13.87 -7.26 5.66
C PHE A 225 -14.71 -7.10 6.94
N PRO A 226 -15.71 -6.16 6.96
CA PRO A 226 -16.53 -5.95 8.15
C PRO A 226 -17.14 -7.22 8.74
N ASP A 227 -16.98 -7.34 10.05
CA ASP A 227 -17.50 -8.47 10.87
C ASP A 227 -16.98 -9.87 10.54
N SER A 228 -15.87 -9.91 9.80
CA SER A 228 -15.26 -11.18 9.43
C SER A 228 -14.67 -11.94 10.64
N SER A 229 -14.41 -11.24 11.76
CA SER A 229 -13.86 -11.92 12.93
C SER A 229 -14.97 -12.75 13.61
N LYS A 230 -16.23 -12.54 13.20
CA LYS A 230 -17.35 -13.40 13.59
C LYS A 230 -17.29 -14.78 12.93
N ASN A 231 -16.45 -14.91 11.91
CA ASN A 231 -16.16 -16.18 11.29
C ASN A 231 -15.12 -16.88 12.13
N SER A 232 -15.50 -18.03 12.68
CA SER A 232 -14.57 -18.76 13.52
C SER A 232 -13.34 -19.30 12.78
N LYS A 233 -13.39 -19.37 11.45
CA LYS A 233 -12.22 -19.79 10.66
C LYS A 233 -11.23 -18.66 10.39
N LYS A 234 -11.61 -17.42 10.69
CA LYS A 234 -10.67 -16.30 10.46
C LYS A 234 -9.55 -16.43 11.49
N HIS A 235 -8.32 -16.36 11.00
CA HIS A 235 -7.13 -16.47 11.83
C HIS A 235 -6.50 -15.10 12.07
N ILE A 236 -6.67 -14.55 13.26
CA ILE A 236 -6.15 -13.22 13.57
C ILE A 236 -4.78 -13.37 14.32
N LEU A 237 -3.70 -12.89 13.69
CA LEU A 237 -2.40 -12.78 14.37
C LEU A 237 -2.46 -11.72 15.45
N ASN A 238 -1.83 -12.02 16.60
CA ASN A 238 -1.62 -11.02 17.62
C ASN A 238 -0.50 -10.04 17.18
N GLY A 239 -0.26 -8.97 17.91
CA GLY A 239 0.71 -7.97 17.44
C GLY A 239 2.15 -8.41 17.24
N GLU A 240 2.59 -9.29 18.12
CA GLU A 240 3.89 -9.83 18.06
C GLU A 240 4.01 -10.72 16.82
N GLU A 241 3.04 -11.64 16.62
CA GLU A 241 3.06 -12.54 15.45
C GLU A 241 2.98 -11.74 14.16
N LEU A 242 2.19 -10.67 14.16
CA LEU A 242 1.98 -9.87 12.97
C LEU A 242 3.25 -9.08 12.62
N LYS A 244 6.25 -10.11 13.32
CA LYS A 244 7.11 -11.16 12.74
C LYS A 244 6.71 -11.63 11.33
N TRP A 245 5.42 -11.63 11.06
CA TRP A 245 4.86 -11.99 9.77
C TRP A 245 5.31 -10.98 8.72
N TRP A 246 5.10 -9.69 8.97
CA TRP A 246 5.61 -8.65 8.10
C TRP A 246 7.15 -8.63 8.05
N GLY A 247 7.83 -8.88 9.17
CA GLY A 247 9.29 -8.78 9.14
C GLY A 247 9.80 -9.92 8.25
N PHE A 248 9.11 -11.03 8.26
CA PHE A 248 9.53 -12.18 7.36
C PHE A 248 9.33 -11.77 5.87
N ILE A 249 8.15 -11.23 5.52
CA ILE A 249 7.88 -10.72 4.15
C ILE A 249 8.98 -9.70 3.72
N LEU A 250 9.23 -8.65 4.53
CA LEU A 250 10.27 -7.64 4.19
C LEU A 250 11.67 -8.23 4.10
N ASP A 251 11.99 -9.16 4.99
CA ASP A 251 13.31 -9.79 4.94
C ASP A 251 13.44 -10.46 3.57
N ARG A 252 12.41 -11.20 3.12
CA ARG A 252 12.49 -11.89 1.79
C ARG A 252 12.45 -10.89 0.66
N LEU A 253 11.76 -9.80 0.82
CA LEU A 253 11.82 -8.81 -0.24
C LEU A 253 13.22 -8.25 -0.41
N LEU A 254 13.92 -8.08 0.70
CA LEU A 254 15.25 -7.47 0.71
C LEU A 254 16.19 -8.44 0.02
N ILE A 255 16.03 -9.71 0.33
CA ILE A 255 16.96 -10.67 -0.16
C ILE A 255 16.73 -11.02 -1.68
N GLU A 256 15.45 -11.11 -2.05
CA GLU A 256 15.04 -11.47 -3.43
C GLU A 256 15.10 -10.28 -4.38
N CYS A 257 14.86 -9.05 -3.86
CA CYS A 257 14.62 -7.92 -4.73
C CYS A 257 15.52 -6.67 -4.58
N PHE A 258 16.29 -6.55 -3.49
CA PHE A 258 17.11 -5.36 -3.26
C PHE A 258 18.61 -5.56 -3.25
N GLN A 259 19.32 -4.48 -3.56
CA GLN A 259 20.77 -4.55 -3.51
C GLN A 259 21.20 -4.63 -2.04
N ASN A 260 22.42 -5.14 -1.83
CA ASN A 260 23.01 -5.29 -0.52
C ASN A 260 23.41 -4.03 0.19
N ASP A 261 23.14 -2.90 -0.41
CA ASP A 261 23.49 -1.69 0.32
C ASP A 261 22.26 -0.94 0.85
N THR A 262 21.16 -1.71 0.94
CA THR A 262 19.83 -1.20 1.27
C THR A 262 19.64 -0.99 2.79
N GLN A 263 19.02 0.12 3.14
CA GLN A 263 18.60 0.38 4.51
C GLN A 263 17.34 -0.48 4.83
N ALA A 264 17.34 -1.16 5.98
CA ALA A 264 16.20 -2.00 6.45
C ALA A 264 16.04 -1.66 7.94
N LYS A 265 14.88 -1.11 8.35
CA LYS A 265 14.69 -0.46 9.66
C LYS A 265 13.42 -1.00 10.36
N LEU A 266 13.45 -1.20 11.68
CA LEU A 266 12.29 -1.65 12.46
C LEU A 266 12.33 -0.84 13.74
N ARG A 267 11.19 -0.25 14.13
CA ARG A 267 11.04 0.28 15.48
C ARG A 267 9.69 -0.11 16.04
N ILE A 268 9.62 -0.20 17.36
CA ILE A 268 8.38 -0.50 18.05
C ILE A 268 8.06 0.70 18.92
N PRO A 269 7.19 1.61 18.43
CA PRO A 269 7.13 2.94 19.06
C PRO A 269 6.94 2.89 20.56
N GLY A 270 7.62 3.82 21.24
CA GLY A 270 7.67 3.94 22.70
C GLY A 270 8.39 2.85 23.49
N GLU A 271 8.98 1.87 22.78
CA GLU A 271 9.66 0.73 23.43
C GLU A 271 11.17 0.94 23.37
N ASP A 272 11.87 0.41 24.37
CA ASP A 272 13.34 0.40 24.41
C ASP A 272 13.91 -0.43 23.25
N PRO A 273 14.94 0.10 22.55
CA PRO A 273 15.56 -0.58 21.39
C PRO A 273 16.18 -1.97 21.63
N ALA A 274 16.32 -2.38 22.88
CA ALA A 274 16.99 -3.64 23.20
C ALA A 274 16.16 -4.83 22.77
N ARG A 275 14.84 -4.71 22.90
CA ARG A 275 13.92 -5.73 22.39
C ARG A 275 13.98 -5.87 20.86
N VAL A 276 13.82 -4.76 20.17
CA VAL A 276 13.93 -4.72 18.71
C VAL A 276 15.20 -5.44 18.20
N ARG A 277 16.36 -5.07 18.73
CA ARG A 277 17.68 -5.57 18.26
C ARG A 277 17.87 -7.10 18.29
N SER A 278 17.31 -7.71 19.31
CA SER A 278 17.35 -9.16 19.54
C SER A 278 16.64 -9.92 18.40
N TYR A 279 15.40 -9.50 18.15
CA TYR A 279 14.61 -10.00 17.03
C TYR A 279 15.37 -9.89 15.70
N LEU A 280 15.84 -8.68 15.39
CA LEU A 280 16.56 -8.47 14.11
C LEU A 280 17.70 -9.46 13.88
N ARG A 281 18.25 -10.05 14.95
CA ARG A 281 19.38 -11.01 14.81
C ARG A 281 19.04 -12.25 13.98
N GLY A 282 17.75 -12.61 13.94
CA GLY A 282 17.31 -13.78 13.15
C GLY A 282 17.06 -13.50 11.66
N LYS A 284 17.71 -12.77 7.70
CA LYS A 284 18.74 -13.20 6.74
C LYS A 284 19.34 -12.04 5.92
N TYR A 285 18.60 -10.96 5.71
CA TYR A 285 19.18 -9.72 5.16
C TYR A 285 20.17 -9.17 6.22
N PRO A 286 21.43 -8.99 5.83
CA PRO A 286 22.48 -8.67 6.82
C PRO A 286 22.50 -7.24 7.39
N LEU A 287 21.64 -6.35 6.94
CA LEU A 287 21.78 -4.95 7.33
C LEU A 287 20.55 -4.31 7.99
N TRP A 288 19.75 -5.10 8.69
CA TRP A 288 18.64 -4.56 9.45
C TRP A 288 19.21 -3.77 10.61
N GLN A 289 18.63 -2.62 10.89
CA GLN A 289 18.97 -1.86 12.09
C GLN A 289 17.68 -1.42 12.79
N VAL A 290 17.76 -1.18 14.09
CA VAL A 290 16.68 -0.52 14.84
C VAL A 290 16.54 0.97 14.43
N GLY A 291 15.32 1.41 14.20
CA GLY A 291 15.09 2.80 13.88
C GLY A 291 14.12 2.91 12.73
N ASP A 292 14.32 3.90 11.87
CA ASP A 292 13.40 4.13 10.75
C ASP A 292 14.18 4.78 9.61
N ILE A 293 13.52 4.93 8.47
CA ILE A 293 14.12 5.55 7.31
C ILE A 293 13.86 7.03 7.21
N PHE A 294 13.39 7.65 8.28
CA PHE A 294 13.05 9.07 8.21
C PHE A 294 14.11 9.94 8.85
N THR A 295 15.00 9.30 9.60
CA THR A 295 15.98 9.98 10.49
C THR A 295 16.86 10.95 9.75
N SER A 296 17.32 11.96 10.49
CA SER A 296 18.28 12.98 10.04
C SER A 296 17.71 14.36 10.20
N LYS A 297 18.59 15.32 10.04
CA LYS A 297 18.35 16.69 10.43
C LYS A 297 17.69 17.54 9.33
N GLU A 298 16.40 17.27 9.06
CA GLU A 298 15.51 18.27 8.43
C GLU A 298 15.06 19.21 9.55
N ASN A 299 15.99 19.42 10.49
CA ASN A 299 15.71 19.60 11.90
C ASN A 299 15.13 18.28 12.47
N SER A 300 15.19 18.15 13.79
CA SER A 300 14.67 17.03 14.56
C SER A 300 13.14 17.05 14.72
N LEU A 301 12.48 18.12 14.22
CA LEU A 301 11.04 18.31 14.36
C LEU A 301 10.28 17.22 13.59
N ALA A 302 9.34 16.54 14.25
CA ALA A 302 8.66 15.39 13.65
C ALA A 302 7.97 15.76 12.34
N VAL A 303 7.35 16.93 12.33
CA VAL A 303 6.53 17.37 11.20
C VAL A 303 7.31 17.48 9.90
N TYR A 304 8.57 17.88 9.97
CA TYR A 304 9.37 17.96 8.77
C TYR A 304 10.05 16.63 8.43
N ASN A 305 9.72 15.55 9.16
CA ASN A 305 10.32 14.23 8.88
C ASN A 305 9.35 13.04 8.71
N ILE A 306 8.21 13.11 9.37
CA ILE A 306 7.22 12.03 9.40
C ILE A 306 6.38 12.03 8.09
N PRO A 307 6.34 10.89 7.39
CA PRO A 307 5.53 10.83 6.19
C PRO A 307 4.05 10.67 6.53
N LEU A 308 3.18 11.12 5.62
CA LEU A 308 1.76 11.27 5.94
C LEU A 308 0.90 10.49 5.01
N PHE A 309 0.48 9.31 5.47
CA PHE A 309 -0.14 8.30 4.65
C PHE A 309 -1.61 8.14 5.03
N PRO A 310 -2.44 7.66 4.06
CA PRO A 310 -3.88 7.48 4.31
C PRO A 310 -4.12 6.48 5.45
N ASP A 311 -4.97 6.87 6.38
CA ASP A 311 -5.45 5.98 7.45
C ASP A 311 -4.33 5.47 8.33
N ASP A 312 -3.17 6.15 8.31
CA ASP A 312 -2.00 5.78 9.08
C ASP A 312 -1.93 6.44 10.45
N PRO A 313 -1.56 5.66 11.50
CA PRO A 313 -1.47 6.16 12.87
C PRO A 313 -0.48 7.31 12.93
N ALA A 315 0.15 9.92 10.57
CA ALA A 315 -0.64 11.11 10.08
C ALA A 315 -1.70 11.55 11.10
N ARG A 316 -2.36 10.55 11.69
CA ARG A 316 -3.42 10.76 12.70
C ARG A 316 -2.83 11.54 13.89
N PHE A 317 -1.65 11.12 14.34
CA PHE A 317 -1.00 11.82 15.46
C PHE A 317 -0.41 13.17 15.05
N ILE A 318 0.13 13.30 13.83
CA ILE A 318 0.59 14.65 13.38
C ILE A 318 -0.58 15.63 13.36
N HIS A 319 -1.74 15.10 13.01
CA HIS A 319 -2.96 15.87 12.94
C HIS A 319 -3.45 16.28 14.32
N GLN A 320 -3.39 15.37 15.29
CA GLN A 320 -3.58 15.78 16.70
C GLN A 320 -2.58 16.88 17.14
N LEU A 321 -1.31 16.74 16.77
CA LEU A 321 -0.32 17.78 17.12
C LEU A 321 -0.64 19.14 16.48
N ALA A 322 -1.07 19.10 15.22
CA ALA A 322 -1.57 20.27 14.47
C ALA A 322 -2.71 20.97 15.20
N GLU A 323 -3.73 20.20 15.60
CA GLU A 323 -4.84 20.74 16.42
C GLU A 323 -4.39 21.35 17.75
N GLU A 324 -3.33 20.79 18.36
CA GLU A 324 -2.80 21.30 19.64
C GLU A 324 -1.78 22.43 19.46
N ASP A 325 -1.52 22.78 18.19
CA ASP A 325 -0.54 23.80 17.82
C ASP A 325 0.90 23.44 18.22
N ARG A 326 1.23 22.14 18.22
CA ARG A 326 2.51 21.69 18.76
C ARG A 326 3.47 21.17 17.69
N LEU A 327 3.23 21.51 16.43
CA LEU A 327 4.01 20.96 15.32
C LEU A 327 5.45 21.48 15.28
N LEU A 328 5.65 22.66 15.84
CA LEU A 328 6.96 23.28 15.92
C LEU A 328 7.60 23.03 17.30
N LYS A 329 6.97 22.16 18.09
CA LYS A 329 7.44 21.86 19.43
C LYS A 329 7.92 20.41 19.61
N VAL A 330 7.34 19.48 18.86
CA VAL A 330 7.60 18.08 19.08
C VAL A 330 8.76 17.56 18.21
N SER A 331 9.82 17.08 18.86
CA SER A 331 10.92 16.40 18.13
C SER A 331 10.54 14.99 17.68
N LEU A 332 11.36 14.37 16.81
CA LEU A 332 11.15 12.98 16.39
C LEU A 332 11.16 12.05 17.61
N SER A 333 12.02 12.37 18.59
CA SER A 333 12.12 11.57 19.81
C SER A 333 10.86 11.63 20.65
N SER A 334 10.30 12.83 20.84
CA SER A 334 9.06 12.96 21.61
C SER A 334 7.92 12.38 20.84
N PHE A 335 7.95 12.57 19.51
CA PHE A 335 6.97 11.94 18.62
C PHE A 335 6.73 10.47 18.91
N TRP A 336 7.78 9.65 18.80
CA TRP A 336 7.60 8.22 18.94
C TRP A 336 7.08 7.85 20.32
N ILE A 337 7.51 8.59 21.33
CA ILE A 337 7.03 8.38 22.70
C ILE A 337 5.56 8.76 22.87
N GLU A 338 5.19 9.96 22.40
CA GLU A 338 3.80 10.40 22.55
C GLU A 338 2.87 9.63 21.64
N LEU A 339 3.36 9.18 20.48
CA LEU A 339 2.56 8.33 19.57
C LEU A 339 2.02 7.13 20.35
N GLN A 340 2.91 6.45 21.07
CA GLN A 340 2.52 5.30 21.88
C GLN A 340 1.76 5.78 23.14
N GLU A 341 2.40 6.67 23.88
CA GLU A 341 1.93 7.15 25.18
C GLU A 341 0.54 7.80 25.11
N ARG A 342 0.27 8.55 24.05
CA ARG A 342 -0.93 9.41 23.96
C ARG A 342 -2.00 8.94 22.98
N GLN A 343 -1.64 8.03 22.08
CA GLN A 343 -2.57 7.62 21.03
C GLN A 343 -2.73 6.09 20.91
N GLU A 344 -1.62 5.38 20.76
CA GLU A 344 -1.67 3.97 20.36
C GLU A 344 -1.92 3.00 21.50
N PHE A 345 -1.70 3.46 22.73
CA PHE A 345 -1.94 2.66 23.95
C PHE A 345 -3.40 2.23 24.09
N LYS A 346 -4.34 3.07 23.62
CA LYS A 346 -5.80 2.83 23.74
C LYS A 346 -6.20 1.55 23.01
N LEU A 347 -5.38 1.17 22.03
CA LEU A 347 -5.60 -0.04 21.26
C LEU A 347 -5.17 -1.27 22.03
N SER A 348 -4.32 -1.08 23.06
CA SER A 348 -3.81 -2.19 23.90
C SER A 348 -3.23 -3.31 23.05
N VAL A 349 -2.27 -2.96 22.19
CA VAL A 349 -1.82 -3.85 21.14
C VAL A 349 -0.38 -3.50 20.68
N THR A 350 0.47 -4.52 20.52
CA THR A 350 1.82 -4.40 19.95
C THR A 350 1.80 -3.90 18.49
N SER A 351 2.52 -2.82 18.22
CA SER A 351 2.60 -2.15 16.95
C SER A 351 4.05 -1.91 16.57
N SER A 352 4.36 -1.98 15.27
CA SER A 352 5.72 -1.62 14.82
C SER A 352 5.69 -0.79 13.54
N VAL A 353 6.81 -0.13 13.24
CA VAL A 353 6.98 0.61 12.00
C VAL A 353 8.18 -0.01 11.27
N GLY A 355 10.59 0.12 7.57
CA GLY A 355 11.01 0.92 6.41
C GLY A 355 12.14 0.24 5.68
N ILE A 356 12.11 0.32 4.35
CA ILE A 356 13.22 -0.11 3.52
C ILE A 356 13.53 1.07 2.62
N SER A 357 14.83 1.28 2.35
CA SER A 357 15.21 2.36 1.41
C SER A 357 16.44 1.97 0.64
N GLY A 358 16.29 1.78 -0.66
CA GLY A 358 17.42 1.35 -1.48
C GLY A 358 17.06 1.09 -2.94
N TYR A 359 17.94 0.37 -3.63
CA TYR A 359 17.80 0.13 -5.06
C TYR A 359 17.47 -1.32 -5.35
N SER A 360 16.56 -1.54 -6.29
CA SER A 360 16.21 -2.85 -6.78
C SER A 360 17.37 -3.54 -7.46
N LEU A 361 17.35 -4.85 -7.35
CA LEU A 361 18.35 -5.67 -8.02
C LEU A 361 18.16 -5.61 -9.51
N ALA A 362 16.91 -5.66 -9.97
CA ALA A 362 16.63 -5.63 -11.40
C ALA A 362 15.89 -4.34 -11.68
N THR A 363 16.23 -3.68 -12.79
CA THR A 363 15.59 -2.41 -13.17
C THR A 363 14.09 -2.64 -13.45
N PRO A 364 13.20 -1.91 -12.75
CA PRO A 364 11.79 -2.10 -13.00
C PRO A 364 11.41 -1.55 -14.38
N SER A 365 10.77 -2.37 -15.21
CA SER A 365 10.48 -1.98 -16.57
C SER A 365 9.10 -2.41 -17.08
N LEU A 366 8.29 -2.99 -16.19
CA LEU A 366 6.91 -3.37 -16.49
C LEU A 366 5.94 -2.20 -16.54
N PHE A 367 5.15 -2.20 -17.61
CA PHE A 367 3.94 -1.39 -17.70
C PHE A 367 2.80 -2.40 -17.67
N PRO A 368 2.14 -2.53 -16.49
CA PRO A 368 1.04 -3.51 -16.31
C PRO A 368 0.04 -3.54 -17.49
N SER A 369 -0.27 -4.75 -17.94
CA SER A 369 -1.26 -4.98 -18.99
C SER A 369 -2.66 -4.93 -18.42
N SER A 370 -3.66 -5.05 -19.29
CA SER A 370 -5.04 -5.08 -18.88
C SER A 370 -5.35 -6.35 -18.10
N ALA A 371 -4.50 -7.37 -18.26
CA ALA A 371 -4.60 -8.59 -17.44
C ALA A 371 -4.07 -8.39 -16.01
N ASP A 372 -2.96 -7.66 -15.93
CA ASP A 372 -2.33 -7.27 -14.66
C ASP A 372 -3.15 -6.35 -13.77
N VAL A 373 -3.79 -5.36 -14.38
CA VAL A 373 -4.55 -4.35 -13.64
C VAL A 373 -5.82 -3.86 -14.44
N ILE A 374 -6.83 -3.41 -13.70
CA ILE A 374 -8.03 -2.79 -14.28
C ILE A 374 -7.98 -1.39 -13.71
N VAL A 375 -8.07 -0.40 -14.58
CA VAL A 375 -8.06 1.00 -14.17
C VAL A 375 -9.41 1.61 -14.55
N PRO A 376 -10.34 1.71 -13.58
CA PRO A 376 -11.64 2.26 -13.97
C PRO A 376 -11.49 3.67 -14.53
N LYS A 377 -12.46 4.08 -15.36
CA LYS A 377 -12.45 5.38 -16.06
C LYS A 377 -12.67 6.49 -15.08
N SER A 378 -13.19 6.13 -13.92
CA SER A 378 -13.73 7.09 -13.01
C SER A 378 -13.32 6.79 -11.59
N ARG A 379 -13.20 7.84 -10.80
CA ARG A 379 -13.01 7.71 -9.38
C ARG A 379 -14.26 7.10 -8.70
N LYS A 380 -15.44 7.46 -9.18
CA LYS A 380 -16.71 6.88 -8.71
C LYS A 380 -16.78 5.39 -9.01
N GLN A 381 -16.35 5.00 -10.20
CA GLN A 381 -16.32 3.60 -10.57
C GLN A 381 -15.29 2.80 -9.74
N PHE A 382 -14.11 3.38 -9.53
CA PHE A 382 -13.09 2.75 -8.67
C PHE A 382 -13.70 2.48 -7.31
N ARG A 383 -14.31 3.52 -6.72
CA ARG A 383 -14.92 3.44 -5.40
C ARG A 383 -16.07 2.41 -5.34
N ALA A 384 -16.88 2.33 -6.39
CA ALA A 384 -18.03 1.43 -6.35
C ALA A 384 -17.57 -0.01 -6.38
N ILE A 385 -16.53 -0.28 -7.17
CA ILE A 385 -15.98 -1.64 -7.27
C ILE A 385 -15.30 -2.04 -5.95
N LYS A 386 -14.50 -1.13 -5.38
CA LYS A 386 -13.83 -1.48 -4.15
C LYS A 386 -14.85 -1.74 -3.03
N LYS A 387 -15.91 -0.94 -3.00
CA LYS A 387 -16.98 -1.03 -1.98
C LYS A 387 -17.78 -2.33 -2.00
N TYR A 388 -17.85 -3.01 -3.14
CA TYR A 388 -18.41 -4.36 -3.20
C TYR A 388 -17.65 -5.34 -2.30
N ILE A 389 -16.35 -5.13 -2.09
CA ILE A 389 -15.55 -5.88 -1.09
C ILE A 389 -15.73 -5.29 0.32
N THR A 390 -15.37 -4.02 0.45
CA THR A 390 -15.27 -3.35 1.75
C THR A 390 -16.59 -2.95 2.43
N GLY A 391 -17.67 -2.81 1.67
CA GLY A 391 -18.99 -2.51 2.22
C GLY A 391 -19.87 -3.73 2.51
N GLU A 392 -19.33 -4.93 2.31
CA GLU A 392 -20.08 -6.15 2.54
C GLU A 392 -20.00 -6.60 4.02
N GLU A 393 -20.96 -7.40 4.45
CA GLU A 393 -20.92 -7.99 5.78
C GLU A 393 -20.39 -9.40 5.70
N TYR A 394 -19.40 -9.70 6.53
CA TYR A 394 -18.72 -10.98 6.44
C TYR A 394 -18.91 -11.90 7.67
N ASP A 395 -19.96 -11.62 8.44
CA ASP A 395 -20.32 -12.45 9.56
C ASP A 395 -20.78 -13.83 9.10
N THR A 396 -21.19 -13.95 7.82
CA THR A 396 -21.47 -15.28 7.21
C THR A 396 -20.75 -15.42 5.84
N GLU A 397 -20.59 -16.65 5.36
CA GLU A 397 -19.95 -16.88 4.05
C GLU A 397 -20.72 -16.18 2.94
N GLU A 398 -21.98 -15.85 3.19
CA GLU A 398 -22.79 -15.15 2.19
C GLU A 398 -22.20 -13.79 1.77
N GLY A 399 -21.55 -13.10 2.70
CA GLY A 399 -20.83 -11.90 2.33
C GLY A 399 -19.69 -12.12 1.35
N ALA A 400 -18.98 -13.23 1.48
CA ALA A 400 -17.87 -13.57 0.60
C ALA A 400 -18.36 -14.01 -0.81
N ILE A 401 -19.49 -14.71 -0.84
CA ILE A 401 -20.18 -15.03 -2.08
C ILE A 401 -20.67 -13.75 -2.76
N GLU A 402 -21.33 -12.89 -2.00
CA GLU A 402 -21.94 -11.71 -2.61
C GLU A 402 -20.94 -10.71 -3.17
N ALA A 403 -19.81 -10.54 -2.49
CA ALA A 403 -18.70 -9.71 -2.98
C ALA A 403 -18.21 -10.20 -4.34
N PHE A 404 -17.95 -11.49 -4.47
CA PHE A 404 -17.55 -12.10 -5.73
C PHE A 404 -18.59 -11.91 -6.86
N THR A 405 -19.86 -12.17 -6.59
CA THR A 405 -20.87 -12.13 -7.62
C THR A 405 -21.09 -10.68 -8.05
N ASN A 406 -21.07 -9.74 -7.10
CA ASN A 406 -21.23 -8.32 -7.42
C ASN A 406 -20.10 -7.75 -8.23
N ILE A 407 -18.86 -8.08 -7.83
CA ILE A 407 -17.68 -7.67 -8.57
C ILE A 407 -17.70 -8.24 -9.97
N ARG A 408 -17.88 -9.53 -10.11
CA ARG A 408 -17.79 -10.07 -11.46
C ARG A 408 -18.90 -9.56 -12.37
N ASP A 409 -20.08 -9.32 -11.80
CA ASP A 409 -21.21 -8.81 -12.57
C ASP A 409 -20.93 -7.38 -13.04
N PHE A 410 -20.42 -6.56 -12.12
CA PHE A 410 -20.07 -5.19 -12.44
C PHE A 410 -19.05 -5.10 -13.57
N LEU A 411 -17.98 -5.89 -13.45
CA LEU A 411 -16.90 -5.89 -14.44
C LEU A 411 -17.38 -6.36 -15.78
N LEU A 412 -18.17 -7.44 -15.79
CA LEU A 412 -18.71 -7.96 -17.06
C LEU A 412 -19.69 -7.02 -17.72
N LEU A 413 -20.63 -6.52 -16.94
CA LEU A 413 -21.68 -5.67 -17.48
C LEU A 413 -21.17 -4.28 -17.85
N ARG A 414 -20.42 -3.64 -16.95
CA ARG A 414 -19.94 -2.26 -17.18
C ARG A 414 -18.64 -2.13 -17.93
N ALA A 416 -16.95 -5.03 -19.73
CA ALA A 416 -16.69 -6.19 -20.60
C ALA A 416 -15.39 -6.89 -20.23
N THR A 417 -15.21 -7.09 -18.93
CA THR A 417 -13.99 -7.68 -18.44
C THR A 417 -14.31 -8.72 -17.39
N ASN A 418 -13.46 -9.75 -17.30
CA ASN A 418 -13.57 -10.83 -16.31
C ASN A 418 -12.55 -10.60 -15.18
N LEU A 419 -12.76 -11.30 -14.05
CA LEU A 419 -11.70 -11.49 -13.06
C LEU A 419 -10.73 -12.43 -13.73
N GLN A 420 -9.45 -12.29 -13.41
CA GLN A 420 -8.43 -13.15 -14.02
C GLN A 420 -8.40 -14.47 -13.30
N SER A 421 -8.28 -15.58 -14.00
CA SER A 421 -8.10 -16.86 -13.30
C SER A 421 -6.67 -17.41 -13.37
N LEU A 422 -6.32 -18.24 -12.40
CA LEU A 422 -4.93 -18.55 -12.10
C LEU A 422 -5.01 -20.01 -11.81
N THR A 423 -4.01 -20.74 -12.23
CA THR A 423 -3.81 -22.09 -11.68
C THR A 423 -2.52 -22.05 -10.88
N GLY A 424 -2.54 -22.59 -9.66
CA GLY A 424 -1.38 -22.57 -8.78
C GLY A 424 -0.28 -23.43 -9.33
N LYS A 425 0.95 -23.06 -9.02
CA LYS A 425 2.11 -23.81 -9.52
C LYS A 425 2.97 -24.40 -8.39
N ARG A 426 2.79 -23.95 -7.14
CA ARG A 426 3.68 -24.39 -6.05
C ARG A 426 3.34 -25.74 -5.45
N GLU A 427 4.28 -26.68 -5.56
CA GLU A 427 4.15 -28.00 -4.91
C GLU A 427 4.43 -27.93 -3.40
N HIS A 428 3.99 -28.96 -2.67
CA HIS A 428 4.08 -28.99 -1.20
C HIS A 428 5.30 -29.80 -0.79
#